data_4TWV
#
_entry.id   4TWV
#
_cell.length_a   28.530
_cell.length_b   34.970
_cell.length_c   123.450
_cell.angle_alpha   90.000
_cell.angle_beta   90.000
_cell.angle_gamma   90.000
#
_symmetry.space_group_name_H-M   'P 21 21 21'
#
loop_
_entity.id
_entity.type
_entity.pdbx_description
1 polymer Myoglobin
2 non-polymer 'Zinc (II) Deuteroporphyrin IX'
3 water water
#
_entity_poly.entity_id   1
_entity_poly.type   'polypeptide(L)'
_entity_poly.pdbx_seq_one_letter_code
;MGLSDGEWQQVLNVWGKVEADIAGHGQEVLIRLFTGHPETLEKFDEFKHLKTEAEMKASEDLKEHGTVVLTALGGILKKK
GHHEAELKPLAQSHATEHKIPIKYLEFISDAIIHVLHSKHPGDFGADAQGAMTKALELFRNDIAAKYKELGFQG
;
_entity_poly.pdbx_strand_id   A
#
# COMPACT_ATOMS: atom_id res chain seq x y z
N GLY A 2 18.29 -2.82 2.90
CA GLY A 2 17.86 -3.74 1.81
C GLY A 2 17.35 -5.06 2.34
N LEU A 3 16.84 -5.89 1.44
CA LEU A 3 16.37 -7.23 1.77
C LEU A 3 17.34 -8.24 1.20
N SER A 4 17.49 -9.36 1.90
CA SER A 4 18.25 -10.48 1.39
C SER A 4 17.51 -11.14 0.24
N ASP A 5 18.22 -12.00 -0.48
CA ASP A 5 17.60 -12.77 -1.54
C ASP A 5 16.44 -13.61 -1.01
N GLY A 6 16.65 -14.25 0.14
CA GLY A 6 15.62 -15.07 0.76
C GLY A 6 14.41 -14.26 1.15
N GLU A 7 14.64 -13.06 1.67
CA GLU A 7 13.55 -12.16 2.03
C GLU A 7 12.75 -11.73 0.82
N TRP A 8 13.41 -11.34 -0.26
CA TRP A 8 12.66 -11.00 -1.48
C TRP A 8 11.83 -12.17 -1.97
N GLN A 9 12.38 -13.38 -1.89
CA GLN A 9 11.63 -14.55 -2.32
C GLN A 9 10.37 -14.72 -1.46
N GLN A 10 10.48 -14.51 -0.16
CA GLN A 10 9.31 -14.58 0.71
C GLN A 10 8.27 -13.52 0.34
N VAL A 11 8.73 -12.30 0.08
CA VAL A 11 7.83 -11.22 -0.31
C VAL A 11 7.04 -11.61 -1.55
N LEU A 12 7.73 -12.08 -2.57
CA LEU A 12 7.10 -12.34 -3.86
C LEU A 12 6.28 -13.62 -3.82
N ASN A 13 6.58 -14.51 -2.88
CA ASN A 13 5.76 -15.68 -2.68
C ASN A 13 4.43 -15.31 -2.02
N VAL A 14 4.49 -14.53 -0.95
CA VAL A 14 3.28 -14.00 -0.29
C VAL A 14 2.42 -13.22 -1.29
N TRP A 15 3.08 -12.44 -2.14
CA TRP A 15 2.36 -11.61 -3.09
C TRP A 15 1.50 -12.44 -4.05
N GLY A 16 1.88 -13.70 -4.30
CA GLY A 16 1.02 -14.59 -5.07
C GLY A 16 -0.38 -14.75 -4.49
N LYS A 17 -0.48 -14.73 -3.17
CA LYS A 17 -1.79 -14.81 -2.52
C LYS A 17 -2.63 -13.59 -2.85
N VAL A 18 -1.99 -12.44 -2.93
CA VAL A 18 -2.66 -11.21 -3.30
C VAL A 18 -3.13 -11.29 -4.76
N GLU A 19 -2.25 -11.78 -5.64
CA GLU A 19 -2.58 -11.87 -7.08
C GLU A 19 -3.72 -12.82 -7.38
N ALA A 20 -4.00 -13.77 -6.49
CA ALA A 20 -5.16 -14.63 -6.66
C ALA A 20 -6.44 -13.80 -6.82
N ASP A 21 -6.48 -12.63 -6.16
CA ASP A 21 -7.61 -11.71 -6.27
C ASP A 21 -7.13 -10.33 -5.83
N ILE A 22 -6.53 -9.58 -6.74
CA ILE A 22 -5.99 -8.28 -6.35
C ILE A 22 -7.12 -7.33 -5.94
N ALA A 23 -8.24 -7.36 -6.63
CA ALA A 23 -9.32 -6.42 -6.34
C ALA A 23 -9.89 -6.64 -4.94
N GLY A 24 -10.10 -7.89 -4.54
CA GLY A 24 -10.60 -8.18 -3.20
C GLY A 24 -9.62 -7.74 -2.13
N HIS A 25 -8.35 -8.05 -2.34
CA HIS A 25 -7.32 -7.59 -1.41
C HIS A 25 -7.25 -6.06 -1.37
N GLY A 26 -7.30 -5.41 -2.54
CA GLY A 26 -7.17 -3.96 -2.60
C GLY A 26 -8.33 -3.26 -1.94
N GLN A 27 -9.53 -3.76 -2.17
CA GLN A 27 -10.69 -3.24 -1.50
C GLN A 27 -10.53 -3.30 0.02
N GLU A 28 -10.11 -4.46 0.52
CA GLU A 28 -9.98 -4.63 1.97
C GLU A 28 -8.87 -3.75 2.55
N VAL A 29 -7.77 -3.57 1.81
CA VAL A 29 -6.72 -2.68 2.25
C VAL A 29 -7.23 -1.23 2.34
N LEU A 30 -7.92 -0.76 1.31
CA LEU A 30 -8.44 0.60 1.35
C LEU A 30 -9.47 0.77 2.46
N ILE A 31 -10.36 -0.20 2.63
CA ILE A 31 -11.35 -0.11 3.70
C ILE A 31 -10.69 -0.05 5.07
N ARG A 32 -9.66 -0.87 5.29
CA ARG A 32 -8.92 -0.83 6.54
C ARG A 32 -8.28 0.53 6.77
N LEU A 33 -7.68 1.08 5.72
CA LEU A 33 -7.06 2.39 5.77
C LEU A 33 -8.08 3.48 6.11
N PHE A 34 -9.19 3.49 5.36
CA PHE A 34 -10.18 4.54 5.45
C PHE A 34 -10.99 4.49 6.75
N THR A 35 -11.31 3.29 7.22
CA THR A 35 -12.06 3.16 8.47
C THR A 35 -11.15 3.39 9.68
N GLY A 36 -9.91 2.92 9.62
CA GLY A 36 -8.98 3.14 10.71
C GLY A 36 -8.47 4.57 10.81
N HIS A 37 -8.44 5.26 9.68
CA HIS A 37 -7.86 6.60 9.59
C HIS A 37 -8.71 7.44 8.65
N PRO A 38 -9.86 7.94 9.13
CA PRO A 38 -10.80 8.64 8.26
C PRO A 38 -10.25 9.91 7.59
N GLU A 39 -9.19 10.49 8.14
CA GLU A 39 -8.53 11.61 7.48
C GLU A 39 -8.01 11.24 6.08
N THR A 40 -7.68 9.96 5.89
CA THR A 40 -7.14 9.53 4.61
C THR A 40 -8.20 9.57 3.52
N LEU A 41 -9.43 9.24 3.88
CA LEU A 41 -10.54 9.21 2.96
C LEU A 41 -10.83 10.60 2.37
N GLU A 42 -10.60 11.65 3.16
CA GLU A 42 -10.82 13.03 2.73
C GLU A 42 -9.99 13.44 1.51
N LYS A 43 -8.88 12.73 1.29
CA LYS A 43 -7.99 13.02 0.15
C LYS A 43 -8.53 12.52 -1.19
N PHE A 44 -9.61 11.73 -1.15
CA PHE A 44 -10.18 11.13 -2.33
C PHE A 44 -11.46 11.85 -2.69
N ASP A 45 -11.37 12.76 -3.63
CA ASP A 45 -12.52 13.56 -4.02
C ASP A 45 -13.72 12.70 -4.43
N GLU A 46 -13.48 11.54 -5.04
CA GLU A 46 -14.58 10.70 -5.51
C GLU A 46 -15.06 9.65 -4.50
N PHE A 47 -14.35 9.47 -3.38
CA PHE A 47 -14.75 8.49 -2.37
C PHE A 47 -15.06 9.09 -1.01
N LYS A 48 -14.85 10.38 -0.82
CA LYS A 48 -14.90 10.96 0.53
C LYS A 48 -16.30 10.94 1.14
N HIS A 49 -17.33 10.71 0.32
CA HIS A 49 -18.71 10.52 0.80
C HIS A 49 -18.98 9.08 1.28
N LEU A 50 -18.04 8.16 1.05
CA LEU A 50 -18.20 6.76 1.44
C LEU A 50 -17.54 6.54 2.79
N LYS A 51 -18.21 7.06 3.83
CA LYS A 51 -17.59 7.17 5.14
C LYS A 51 -17.67 5.90 6.00
N THR A 52 -18.37 4.87 5.54
CA THR A 52 -18.45 3.63 6.30
C THR A 52 -18.00 2.45 5.45
N GLU A 53 -17.61 1.38 6.12
CA GLU A 53 -17.22 0.15 5.45
C GLU A 53 -18.27 -0.33 4.45
N ALA A 54 -19.53 -0.34 4.86
CA ALA A 54 -20.58 -0.86 3.98
C ALA A 54 -20.69 -0.02 2.71
N GLU A 55 -20.57 1.29 2.86
CA GLU A 55 -20.65 2.18 1.72
C GLU A 55 -19.46 1.98 0.78
N MET A 56 -18.28 1.83 1.37
CA MET A 56 -17.06 1.59 0.60
C MET A 56 -17.17 0.29 -0.20
N LYS A 57 -17.70 -0.75 0.45
CA LYS A 57 -17.81 -2.08 -0.16
C LYS A 57 -18.72 -2.10 -1.38
N ALA A 58 -19.64 -1.15 -1.41
CA ALA A 58 -20.67 -1.11 -2.44
C ALA A 58 -20.27 -0.28 -3.66
N SER A 59 -19.01 0.15 -3.73
CA SER A 59 -18.54 0.97 -4.84
C SER A 59 -17.50 0.23 -5.67
N GLU A 60 -17.85 -0.12 -6.92
CA GLU A 60 -16.84 -0.70 -7.80
C GLU A 60 -15.75 0.31 -8.13
N ASP A 61 -16.06 1.60 -8.15
CA ASP A 61 -15.02 2.59 -8.37
C ASP A 61 -13.93 2.49 -7.29
N LEU A 62 -14.33 2.32 -6.03
CA LEU A 62 -13.36 2.18 -4.95
C LEU A 62 -12.55 0.90 -5.10
N LYS A 63 -13.23 -0.20 -5.44
CA LYS A 63 -12.54 -1.45 -5.66
C LYS A 63 -11.54 -1.37 -6.82
N GLU A 64 -11.89 -0.64 -7.89
CA GLU A 64 -10.95 -0.43 -8.99
C GLU A 64 -9.74 0.40 -8.56
N HIS A 65 -9.94 1.39 -7.70
CA HIS A 65 -8.79 2.12 -7.20
C HIS A 65 -7.89 1.22 -6.36
N GLY A 66 -8.49 0.35 -5.55
CA GLY A 66 -7.68 -0.61 -4.80
C GLY A 66 -6.87 -1.51 -5.71
N THR A 67 -7.46 -1.86 -6.84
CA THR A 67 -6.78 -2.65 -7.86
C THR A 67 -5.59 -1.88 -8.46
N VAL A 68 -5.80 -0.60 -8.77
CA VAL A 68 -4.71 0.26 -9.25
C VAL A 68 -3.56 0.33 -8.23
N VAL A 69 -3.91 0.55 -6.97
CA VAL A 69 -2.92 0.70 -5.91
C VAL A 69 -2.09 -0.56 -5.76
N LEU A 70 -2.75 -1.71 -5.59
CA LEU A 70 -2.00 -2.93 -5.37
C LEU A 70 -1.27 -3.42 -6.61
N THR A 71 -1.81 -3.15 -7.80
CA THR A 71 -1.08 -3.51 -9.01
C THR A 71 0.22 -2.70 -9.11
N ALA A 72 0.15 -1.42 -8.78
CA ALA A 72 1.35 -0.59 -8.76
C ALA A 72 2.37 -1.12 -7.76
N LEU A 73 1.90 -1.44 -6.56
CA LEU A 73 2.79 -1.95 -5.54
C LEU A 73 3.41 -3.28 -5.96
N GLY A 74 2.62 -4.17 -6.56
CA GLY A 74 3.16 -5.45 -7.03
C GLY A 74 4.28 -5.28 -8.03
N GLY A 75 4.12 -4.34 -8.97
CA GLY A 75 5.17 -4.07 -9.95
C GLY A 75 6.44 -3.57 -9.28
N ILE A 76 6.27 -2.72 -8.28
CA ILE A 76 7.37 -2.21 -7.50
C ILE A 76 8.09 -3.32 -6.73
N LEU A 77 7.32 -4.17 -6.07
CA LEU A 77 7.93 -5.26 -5.30
C LEU A 77 8.74 -6.19 -6.18
N LYS A 78 8.28 -6.43 -7.39
CA LYS A 78 8.99 -7.33 -8.31
C LYS A 78 10.31 -6.76 -8.80
N LYS A 79 10.54 -5.46 -8.59
CA LYS A 79 11.86 -4.86 -8.84
C LYS A 79 12.88 -5.15 -7.73
N LYS A 80 12.44 -5.71 -6.62
CA LYS A 80 13.35 -6.09 -5.52
C LYS A 80 14.27 -4.93 -5.14
N GLY A 81 13.68 -3.76 -4.96
CA GLY A 81 14.42 -2.59 -4.51
C GLY A 81 15.00 -1.73 -5.62
N HIS A 82 15.12 -2.27 -6.83
CA HIS A 82 15.62 -1.50 -7.98
C HIS A 82 14.46 -0.77 -8.61
N HIS A 83 13.90 0.16 -7.85
CA HIS A 83 12.59 0.73 -8.18
C HIS A 83 12.56 2.25 -8.26
N GLU A 84 13.73 2.88 -8.43
CA GLU A 84 13.78 4.34 -8.52
C GLU A 84 12.80 4.91 -9.55
N ALA A 85 12.80 4.33 -10.74
CA ALA A 85 11.96 4.82 -11.85
C ALA A 85 10.47 4.68 -11.54
N GLU A 86 10.09 3.63 -10.85
CA GLU A 86 8.69 3.38 -10.48
C GLU A 86 8.25 4.28 -9.34
N LEU A 87 9.13 4.51 -8.37
CA LEU A 87 8.76 5.29 -7.18
C LEU A 87 8.75 6.78 -7.45
N LYS A 88 9.65 7.22 -8.32
CA LYS A 88 9.76 8.63 -8.66
C LYS A 88 8.41 9.30 -8.88
N PRO A 89 7.62 8.84 -9.89
CA PRO A 89 6.38 9.56 -10.14
C PRO A 89 5.38 9.43 -9.01
N LEU A 90 5.37 8.30 -8.30
CA LEU A 90 4.43 8.12 -7.20
C LEU A 90 4.74 9.06 -6.08
N ALA A 91 6.01 9.18 -5.70
CA ALA A 91 6.37 10.12 -4.66
C ALA A 91 5.94 11.53 -5.06
N GLN A 92 6.22 11.91 -6.30
CA GLN A 92 5.89 13.25 -6.78
C GLN A 92 4.39 13.50 -6.80
N SER A 93 3.62 12.57 -7.36
CA SER A 93 2.19 12.78 -7.46
C SER A 93 1.58 12.79 -6.07
N HIS A 94 2.08 11.95 -5.17
CA HIS A 94 1.49 11.84 -3.85
C HIS A 94 1.83 13.04 -2.98
N ALA A 95 3.02 13.62 -3.13
CA ALA A 95 3.36 14.83 -2.40
C ALA A 95 2.65 16.05 -2.99
N THR A 96 2.81 16.24 -4.28
CA THR A 96 2.49 17.53 -4.90
C THR A 96 1.05 17.64 -5.34
N GLU A 97 0.50 16.55 -5.86
CA GLU A 97 -0.85 16.53 -6.37
C GLU A 97 -1.87 16.06 -5.32
N HIS A 98 -1.64 14.89 -4.74
CA HIS A 98 -2.62 14.28 -3.83
C HIS A 98 -2.48 14.70 -2.36
N LYS A 99 -1.34 15.29 -2.00
CA LYS A 99 -1.13 15.82 -0.65
C LYS A 99 -1.20 14.73 0.43
N ILE A 100 -0.49 13.64 0.18
CA ILE A 100 -0.52 12.48 1.07
C ILE A 100 0.70 12.48 2.00
N PRO A 101 0.49 12.79 3.29
CA PRO A 101 1.61 12.72 4.23
C PRO A 101 2.22 11.33 4.28
N ILE A 102 3.52 11.25 4.55
CA ILE A 102 4.20 9.97 4.65
C ILE A 102 3.55 9.06 5.69
N LYS A 103 2.99 9.65 6.74
CA LYS A 103 2.24 8.91 7.75
C LYS A 103 1.15 8.02 7.12
N TYR A 104 0.52 8.50 6.06
CA TYR A 104 -0.54 7.72 5.43
C TYR A 104 0.02 6.45 4.77
N LEU A 105 1.27 6.53 4.29
CA LEU A 105 1.93 5.34 3.74
C LEU A 105 2.32 4.36 4.84
N GLU A 106 2.62 4.87 6.03
CA GLU A 106 2.76 4.02 7.20
C GLU A 106 1.43 3.30 7.47
N PHE A 107 0.35 4.06 7.48
CA PHE A 107 -0.96 3.49 7.74
C PHE A 107 -1.30 2.39 6.72
N ILE A 108 -1.04 2.63 5.43
CA ILE A 108 -1.42 1.63 4.44
C ILE A 108 -0.50 0.40 4.53
N SER A 109 0.75 0.59 4.95
CA SER A 109 1.65 -0.53 5.15
C SER A 109 1.12 -1.45 6.24
N ASP A 110 0.75 -0.87 7.37
CA ASP A 110 0.16 -1.64 8.46
C ASP A 110 -1.15 -2.29 8.01
N ALA A 111 -1.93 -1.60 7.18
CA ALA A 111 -3.18 -2.15 6.67
C ALA A 111 -2.94 -3.39 5.82
N ILE A 112 -1.90 -3.37 4.99
CA ILE A 112 -1.57 -4.52 4.16
C ILE A 112 -1.22 -5.74 5.02
N ILE A 113 -0.39 -5.54 6.05
CA ILE A 113 -0.07 -6.62 6.99
C ILE A 113 -1.35 -7.15 7.65
N HIS A 114 -2.21 -6.23 8.10
CA HIS A 114 -3.46 -6.61 8.74
C HIS A 114 -4.33 -7.45 7.81
N VAL A 115 -4.48 -6.99 6.57
CA VAL A 115 -5.35 -7.67 5.61
C VAL A 115 -4.78 -9.03 5.21
N LEU A 116 -3.46 -9.15 5.09
CA LEU A 116 -2.88 -10.45 4.79
C LEU A 116 -3.22 -11.47 5.88
N HIS A 117 -3.11 -11.10 7.15
CA HIS A 117 -3.52 -12.01 8.22
C HIS A 117 -5.04 -12.23 8.27
N SER A 118 -5.81 -11.20 7.94
CA SER A 118 -7.27 -11.31 8.01
C SER A 118 -7.80 -12.27 6.95
N LYS A 119 -7.26 -12.15 5.74
CA LYS A 119 -7.71 -12.97 4.62
C LYS A 119 -7.08 -14.35 4.59
N HIS A 120 -5.94 -14.52 5.28
CA HIS A 120 -5.19 -15.78 5.24
C HIS A 120 -4.72 -16.17 6.63
N PRO A 121 -5.66 -16.31 7.59
CA PRO A 121 -5.23 -16.51 8.98
C PRO A 121 -4.49 -17.82 9.16
N GLY A 122 -3.29 -17.76 9.74
CA GLY A 122 -2.47 -18.93 9.90
C GLY A 122 -1.62 -19.28 8.69
N ASP A 123 -1.74 -18.52 7.61
CA ASP A 123 -1.01 -18.78 6.37
C ASP A 123 0.00 -17.69 6.02
N PHE A 124 0.15 -16.69 6.89
CA PHE A 124 1.10 -15.61 6.69
C PHE A 124 2.14 -15.76 7.79
N GLY A 125 3.16 -16.55 7.52
CA GLY A 125 4.10 -16.99 8.53
C GLY A 125 4.98 -15.86 9.04
N ALA A 126 5.64 -16.12 10.16
CA ALA A 126 6.42 -15.09 10.82
C ALA A 126 7.57 -14.60 9.93
N ASP A 127 8.20 -15.51 9.21
CA ASP A 127 9.25 -15.12 8.27
C ASP A 127 8.70 -14.24 7.15
N ALA A 128 7.54 -14.63 6.62
CA ALA A 128 6.88 -13.87 5.57
C ALA A 128 6.49 -12.47 6.04
N GLN A 129 5.99 -12.35 7.27
CA GLN A 129 5.65 -11.03 7.80
C GLN A 129 6.90 -10.17 7.92
N GLY A 130 8.00 -10.74 8.41
CA GLY A 130 9.24 -10.00 8.51
C GLY A 130 9.68 -9.45 7.17
N ALA A 131 9.65 -10.29 6.15
CA ALA A 131 10.13 -9.91 4.84
C ALA A 131 9.21 -8.87 4.21
N MET A 132 7.90 -9.10 4.27
CA MET A 132 6.95 -8.13 3.70
C MET A 132 7.05 -6.77 4.40
N THR A 133 7.24 -6.79 5.71
CA THR A 133 7.39 -5.57 6.47
C THR A 133 8.63 -4.80 6.00
N LYS A 134 9.74 -5.50 5.81
CA LYS A 134 10.96 -4.86 5.28
C LYS A 134 10.72 -4.26 3.91
N ALA A 135 9.98 -4.96 3.06
CA ALA A 135 9.72 -4.44 1.71
C ALA A 135 8.85 -3.19 1.75
N LEU A 136 7.85 -3.17 2.63
CA LEU A 136 7.00 -2.00 2.76
C LEU A 136 7.74 -0.83 3.39
N GLU A 137 8.63 -1.11 4.35
CA GLU A 137 9.50 -0.09 4.91
C GLU A 137 10.41 0.52 3.86
N LEU A 138 10.99 -0.31 3.00
CA LEU A 138 11.87 0.19 1.95
C LEU A 138 11.10 1.09 1.00
N PHE A 139 9.91 0.64 0.61
CA PHE A 139 9.02 1.42 -0.26
C PHE A 139 8.73 2.80 0.33
N ARG A 140 8.26 2.83 1.57
CA ARG A 140 7.90 4.09 2.19
C ARG A 140 9.13 4.96 2.46
N ASN A 141 10.25 4.33 2.80
CA ASN A 141 11.45 5.08 3.10
C ASN A 141 12.03 5.75 1.87
N ASP A 142 11.99 5.04 0.74
CA ASP A 142 12.45 5.62 -0.49
C ASP A 142 11.51 6.73 -0.96
N ILE A 143 10.22 6.59 -0.71
CA ILE A 143 9.28 7.69 -0.96
C ILE A 143 9.61 8.87 -0.03
N ALA A 144 9.89 8.57 1.23
CA ALA A 144 10.20 9.62 2.22
C ALA A 144 11.42 10.44 1.80
N ALA A 145 12.42 9.80 1.21
CA ALA A 145 13.60 10.53 0.72
C ALA A 145 13.18 11.55 -0.35
N LYS A 146 12.27 11.14 -1.22
CA LYS A 146 11.77 12.03 -2.27
C LYS A 146 10.91 13.16 -1.67
N TYR A 147 10.12 12.85 -0.65
CA TYR A 147 9.37 13.88 0.06
C TYR A 147 10.31 14.91 0.67
N LYS A 148 11.42 14.47 1.25
CA LYS A 148 12.37 15.40 1.83
C LYS A 148 12.98 16.31 0.76
N GLU A 149 13.30 15.74 -0.39
CA GLU A 149 13.81 16.52 -1.50
CA GLU A 149 13.78 16.54 -1.52
C GLU A 149 12.83 17.69 -1.79
N LEU A 150 11.54 17.37 -1.86
CA LEU A 150 10.49 18.33 -2.16
C LEU A 150 10.12 19.25 -0.99
N GLY A 151 10.54 18.88 0.22
CA GLY A 151 10.16 19.64 1.42
C GLY A 151 8.72 19.42 1.79
N PHE A 152 8.15 18.30 1.36
CA PHE A 152 6.75 18.04 1.59
C PHE A 152 6.54 17.38 2.93
N GLN A 153 5.65 17.96 3.73
CA GLN A 153 5.31 17.38 5.02
C GLN A 153 3.85 16.90 5.10
N GLY A 154 2.94 17.76 5.53
CA GLY A 154 1.54 17.37 5.67
C GLY A 154 1.23 16.56 6.92
#